data_8GH7
#
_entry.id   8GH7
#
_cell.length_a   34.171
_cell.length_b   55.150
_cell.length_c   93.033
_cell.angle_alpha   90.00
_cell.angle_beta   90.00
_cell.angle_gamma   90.00
#
_symmetry.space_group_name_H-M   'P 21 21 21'
#
loop_
_entity.id
_entity.type
_entity.pdbx_description
1 polymer 'E3 ubiquitin-protein ligase XIAP'
2 polymer 'BIR3 inhibitor MAA-CHG-PRO-ZHW'
3 non-polymer 'ZINC ION'
4 non-polymer 2-(2-(2-(2-(2-(2-ETHOXYETHOXY)ETHOXY)ETHOXY)ETHOXY)ETHOXY)ETHANOL
5 water water
#
loop_
_entity_poly.entity_id
_entity_poly.type
_entity_poly.pdbx_seq_one_letter_code
_entity_poly.pdbx_strand_id
1 'polypeptide(L)'
;GSHMSTNLPRNPSMADYEARIFTFGTWIYSVNKEQLARAGFYALGEGDKVKCFHCGGGLTDWKPSEDPWEQHAKWYPGCK
YLLEQKGQEYINNIHLTHS
;
A,B
2 'polypeptide(L)' (MAA)(CHG)P(ZHW) D,H
#
# COMPACT_ATOMS: atom_id res chain seq x y z
N SER A 5 -0.91 -7.49 -19.50
CA SER A 5 -0.57 -6.31 -18.71
C SER A 5 -1.42 -6.15 -17.48
N THR A 6 -1.05 -5.16 -16.67
CA THR A 6 -1.93 -4.67 -15.62
C THR A 6 -2.98 -3.71 -16.15
N ASN A 7 -2.83 -3.23 -17.38
CA ASN A 7 -3.84 -2.38 -18.00
C ASN A 7 -5.05 -3.18 -18.50
N LEU A 8 -4.91 -4.55 -18.66
CA LEU A 8 -6.08 -5.36 -19.02
C LEU A 8 -6.71 -5.98 -17.79
N PRO A 9 -8.03 -6.18 -17.81
CA PRO A 9 -8.71 -6.74 -16.65
C PRO A 9 -8.41 -8.23 -16.46
N ARG A 10 -8.32 -8.64 -15.19
CA ARG A 10 -8.13 -10.06 -14.89
C ARG A 10 -9.38 -10.87 -15.22
N ASN A 11 -10.57 -10.30 -15.00
CA ASN A 11 -11.84 -10.97 -15.25
C ASN A 11 -12.69 -10.11 -16.19
N PRO A 12 -12.47 -10.20 -17.50
CA PRO A 12 -13.25 -9.38 -18.44
C PRO A 12 -14.74 -9.66 -18.41
N SER A 13 -15.17 -10.85 -17.97
CA SER A 13 -16.60 -11.12 -17.90
C SER A 13 -17.30 -10.24 -16.87
N MET A 14 -16.56 -9.66 -15.92
CA MET A 14 -17.10 -8.75 -14.92
C MET A 14 -16.73 -7.30 -15.19
N ALA A 15 -16.33 -6.97 -16.43
CA ALA A 15 -15.94 -5.60 -16.72
C ALA A 15 -17.12 -4.65 -16.80
N ASP A 16 -18.34 -5.18 -17.00
CA ASP A 16 -19.53 -4.35 -17.08
C ASP A 16 -20.11 -4.14 -15.69
N TYR A 17 -20.43 -2.88 -15.35
CA TYR A 17 -21.04 -2.60 -14.06
C TYR A 17 -22.32 -3.41 -13.87
N GLU A 18 -23.13 -3.56 -14.92
CA GLU A 18 -24.38 -4.29 -14.81
C GLU A 18 -24.15 -5.74 -14.40
N ALA A 19 -23.07 -6.34 -14.90
CA ALA A 19 -22.74 -7.71 -14.53
C ALA A 19 -22.32 -7.80 -13.07
N ARG A 20 -21.56 -6.81 -12.59
CA ARG A 20 -21.10 -6.87 -11.21
C ARG A 20 -22.25 -6.67 -10.23
N ILE A 21 -23.09 -5.66 -10.47
CA ILE A 21 -24.21 -5.40 -9.55
C ILE A 21 -25.15 -6.60 -9.50
N PHE A 22 -25.22 -7.37 -10.58
CA PHE A 22 -26.07 -8.55 -10.59
C PHE A 22 -25.59 -9.60 -9.58
N THR A 23 -24.28 -9.69 -9.37
CA THR A 23 -23.75 -10.68 -8.44
C THR A 23 -24.13 -10.40 -6.99
N PHE A 24 -24.56 -9.17 -6.69
CA PHE A 24 -24.98 -8.80 -5.35
C PHE A 24 -26.48 -8.94 -5.14
N GLY A 25 -27.15 -9.78 -5.93
CA GLY A 25 -28.58 -9.98 -5.75
C GLY A 25 -28.93 -10.56 -4.40
N THR A 26 -28.07 -11.42 -3.87
CA THR A 26 -28.28 -12.07 -2.57
C THR A 26 -27.43 -11.45 -1.47
N TRP A 27 -27.07 -10.18 -1.62
CA TRP A 27 -26.16 -9.52 -0.69
C TRP A 27 -26.92 -9.05 0.55
N ILE A 28 -26.51 -9.53 1.72
CA ILE A 28 -27.15 -9.18 2.98
C ILE A 28 -26.28 -8.29 3.85
N TYR A 29 -25.04 -8.02 3.44
CA TYR A 29 -24.11 -7.31 4.31
C TYR A 29 -24.34 -5.80 4.26
N SER A 30 -23.81 -5.12 5.28
CA SER A 30 -24.04 -3.71 5.51
C SER A 30 -23.10 -2.81 4.72
N VAL A 31 -22.53 -3.33 3.63
CA VAL A 31 -21.74 -2.53 2.70
C VAL A 31 -22.56 -2.35 1.43
N ASN A 32 -22.63 -1.12 0.94
CA ASN A 32 -23.54 -0.78 -0.15
C ASN A 32 -23.11 -1.50 -1.43
N LYS A 33 -24.03 -2.27 -2.01
CA LYS A 33 -23.67 -3.07 -3.18
C LYS A 33 -23.43 -2.19 -4.41
N GLU A 34 -24.15 -1.08 -4.54
CA GLU A 34 -23.87 -0.17 -5.65
C GLU A 34 -22.47 0.42 -5.53
N GLN A 35 -22.07 0.81 -4.33
CA GLN A 35 -20.71 1.31 -4.14
C GLN A 35 -19.68 0.22 -4.41
N LEU A 36 -19.97 -1.01 -3.98
CA LEU A 36 -19.06 -2.12 -4.25
C LEU A 36 -18.88 -2.35 -5.75
N ALA A 37 -20.00 -2.42 -6.49
CA ALA A 37 -19.91 -2.65 -7.93
C ALA A 37 -19.27 -1.47 -8.64
N ARG A 38 -19.59 -0.25 -8.20
CA ARG A 38 -18.93 0.92 -8.78
C ARG A 38 -17.42 0.85 -8.58
N ALA A 39 -16.96 0.33 -7.44
CA ALA A 39 -15.54 0.26 -7.15
C ALA A 39 -14.86 -0.91 -7.86
N GLY A 40 -15.58 -1.63 -8.72
CA GLY A 40 -15.04 -2.73 -9.48
C GLY A 40 -15.26 -4.11 -8.90
N PHE A 41 -15.93 -4.21 -7.76
CA PHE A 41 -16.05 -5.49 -7.06
C PHE A 41 -17.30 -6.27 -7.50
N TYR A 42 -17.17 -7.59 -7.52
CA TYR A 42 -18.31 -8.49 -7.68
C TYR A 42 -18.25 -9.52 -6.57
N ALA A 43 -19.42 -10.05 -6.22
CA ALA A 43 -19.51 -11.02 -5.13
C ALA A 43 -19.07 -12.40 -5.59
N LEU A 44 -18.32 -13.09 -4.73
CA LEU A 44 -17.87 -14.45 -4.99
C LEU A 44 -18.88 -15.50 -4.55
N GLY A 45 -19.88 -15.13 -3.76
CA GLY A 45 -20.84 -16.11 -3.29
C GLY A 45 -20.41 -16.88 -2.07
N GLU A 46 -19.39 -16.41 -1.34
CA GLU A 46 -18.97 -17.03 -0.09
C GLU A 46 -18.80 -15.93 0.95
N GLY A 47 -19.70 -15.87 1.92
CA GLY A 47 -19.66 -14.79 2.89
C GLY A 47 -19.72 -13.44 2.19
N ASP A 48 -18.95 -12.49 2.70
CA ASP A 48 -18.87 -11.17 2.09
C ASP A 48 -17.66 -11.01 1.19
N LYS A 49 -17.12 -12.11 0.68
CA LYS A 49 -15.94 -12.04 -0.17
C LYS A 49 -16.30 -11.44 -1.53
N VAL A 50 -15.48 -10.48 -1.98
CA VAL A 50 -15.63 -9.84 -3.27
C VAL A 50 -14.27 -9.81 -3.94
N LYS A 51 -14.29 -9.64 -5.26
CA LYS A 51 -13.06 -9.51 -6.02
C LYS A 51 -13.20 -8.39 -7.05
N CYS A 52 -12.10 -7.69 -7.29
CA CYS A 52 -12.06 -6.66 -8.32
C CYS A 52 -11.90 -7.31 -9.68
N PHE A 53 -12.73 -6.92 -10.64
CA PHE A 53 -12.65 -7.51 -11.97
C PHE A 53 -11.35 -7.16 -12.67
N HIS A 54 -10.69 -6.07 -12.28
CA HIS A 54 -9.55 -5.61 -13.05
C HIS A 54 -8.24 -6.13 -12.46
N CYS A 55 -7.95 -5.81 -11.20
CA CYS A 55 -6.71 -6.24 -10.58
C CYS A 55 -6.80 -7.61 -9.94
N GLY A 56 -8.01 -8.13 -9.73
CA GLY A 56 -8.15 -9.42 -9.09
C GLY A 56 -8.03 -9.41 -7.59
N GLY A 57 -7.89 -8.24 -6.98
CA GLY A 57 -7.72 -8.18 -5.53
C GLY A 57 -9.01 -8.53 -4.82
N GLY A 58 -8.93 -9.43 -3.85
CA GLY A 58 -10.08 -9.84 -3.07
C GLY A 58 -10.10 -9.19 -1.70
N LEU A 59 -11.31 -8.92 -1.21
CA LEU A 59 -11.50 -8.37 0.12
C LEU A 59 -12.59 -9.15 0.84
N THR A 60 -12.43 -9.26 2.15
CA THR A 60 -13.35 -9.99 3.00
C THR A 60 -13.45 -9.29 4.35
N ASP A 61 -14.39 -9.75 5.17
CA ASP A 61 -14.55 -9.26 6.54
C ASP A 61 -14.77 -7.74 6.55
N TRP A 62 -15.76 -7.30 5.77
CA TRP A 62 -16.08 -5.89 5.67
C TRP A 62 -16.65 -5.36 6.98
N LYS A 63 -16.23 -4.15 7.36
CA LYS A 63 -16.91 -3.46 8.44
C LYS A 63 -18.20 -2.83 7.92
N PRO A 64 -19.21 -2.70 8.77
CA PRO A 64 -20.46 -2.07 8.33
C PRO A 64 -20.22 -0.64 7.85
N SER A 65 -20.91 -0.27 6.76
CA SER A 65 -20.85 1.06 6.17
C SER A 65 -19.44 1.46 5.74
N GLU A 66 -18.59 0.47 5.44
CA GLU A 66 -17.24 0.78 4.96
C GLU A 66 -17.30 1.33 3.53
N ASP A 67 -16.24 2.05 3.15
CA ASP A 67 -16.14 2.70 1.86
C ASP A 67 -15.39 1.77 0.91
N PRO A 68 -16.03 1.21 -0.12
CA PRO A 68 -15.31 0.26 -1.00
C PRO A 68 -14.14 0.87 -1.75
N TRP A 69 -14.25 2.12 -2.20
CA TRP A 69 -13.12 2.75 -2.89
C TRP A 69 -11.92 2.89 -1.97
N GLU A 70 -12.16 3.28 -0.73
CA GLU A 70 -11.07 3.45 0.23
C GLU A 70 -10.34 2.13 0.46
N GLN A 71 -11.09 1.04 0.64
CA GLN A 71 -10.47 -0.26 0.86
C GLN A 71 -9.75 -0.74 -0.39
N HIS A 72 -10.32 -0.45 -1.57
CA HIS A 72 -9.65 -0.79 -2.82
C HIS A 72 -8.29 -0.13 -2.89
N ALA A 73 -8.23 1.17 -2.56
CA ALA A 73 -6.98 1.92 -2.61
C ALA A 73 -6.04 1.51 -1.49
N LYS A 74 -6.58 1.17 -0.31
CA LYS A 74 -5.73 0.78 0.81
C LYS A 74 -4.98 -0.51 0.51
N TRP A 75 -5.67 -1.52 -0.01
CA TRP A 75 -5.05 -2.84 -0.18
C TRP A 75 -4.50 -3.08 -1.58
N TYR A 76 -5.03 -2.42 -2.60
CA TYR A 76 -4.63 -2.69 -3.99
C TYR A 76 -4.37 -1.37 -4.72
N PRO A 77 -3.42 -0.57 -4.24
CA PRO A 77 -3.19 0.76 -4.83
C PRO A 77 -2.70 0.73 -6.26
N GLY A 78 -2.16 -0.38 -6.74
CA GLY A 78 -1.69 -0.47 -8.10
C GLY A 78 -2.74 -0.83 -9.12
N CYS A 79 -4.01 -0.95 -8.72
CA CYS A 79 -5.05 -1.34 -9.65
C CYS A 79 -5.30 -0.25 -10.68
N LYS A 80 -5.30 -0.62 -11.96
CA LYS A 80 -5.47 0.36 -13.01
C LYS A 80 -6.90 0.85 -13.15
N TYR A 81 -7.89 0.04 -12.75
CA TYR A 81 -9.26 0.53 -12.76
C TYR A 81 -9.46 1.55 -11.65
N LEU A 82 -8.89 1.28 -10.48
CA LEU A 82 -8.87 2.26 -9.40
C LEU A 82 -8.20 3.56 -9.86
N LEU A 83 -7.08 3.45 -10.57
CA LEU A 83 -6.40 4.64 -11.06
C LEU A 83 -7.29 5.43 -12.00
N GLU A 84 -7.93 4.76 -12.96
CA GLU A 84 -8.74 5.44 -13.97
C GLU A 84 -9.92 6.16 -13.35
N GLN A 85 -10.60 5.51 -12.39
CA GLN A 85 -11.79 6.09 -11.79
C GLN A 85 -11.49 7.10 -10.69
N LYS A 86 -10.42 6.91 -9.92
CA LYS A 86 -10.17 7.72 -8.75
C LYS A 86 -8.95 8.64 -8.87
N GLY A 87 -7.96 8.27 -9.66
CA GLY A 87 -6.79 9.13 -9.84
C GLY A 87 -5.73 8.91 -8.78
N GLN A 88 -4.50 9.27 -9.14
CA GLN A 88 -3.35 9.04 -8.26
C GLN A 88 -3.41 9.90 -7.00
N GLU A 89 -3.96 11.11 -7.09
CA GLU A 89 -4.04 11.96 -5.91
C GLU A 89 -4.87 11.30 -4.82
N TYR A 90 -6.00 10.71 -5.21
CA TYR A 90 -6.86 10.01 -4.25
C TYR A 90 -6.13 8.84 -3.61
N ILE A 91 -5.49 8.00 -4.42
CA ILE A 91 -4.76 6.86 -3.90
C ILE A 91 -3.67 7.31 -2.93
N ASN A 92 -2.92 8.36 -3.29
CA ASN A 92 -1.91 8.86 -2.37
C ASN A 92 -2.53 9.36 -1.07
N ASN A 93 -3.64 10.08 -1.16
CA ASN A 93 -4.28 10.61 0.04
C ASN A 93 -4.74 9.50 0.97
N ILE A 94 -5.24 8.39 0.40
CA ILE A 94 -5.66 7.25 1.19
C ILE A 94 -4.50 6.73 2.02
N HIS A 95 -3.28 6.77 1.47
CA HIS A 95 -2.11 6.27 2.17
C HIS A 95 -1.39 7.34 2.96
N LEU A 96 -1.99 8.51 3.15
CA LEU A 96 -1.37 9.56 3.95
C LEU A 96 -2.01 9.75 5.32
N THR A 97 -3.21 9.23 5.53
CA THR A 97 -3.91 9.30 6.83
C THR A 97 -3.94 10.72 7.39
N THR B 6 14.29 -12.95 -4.32
CA THR B 6 14.31 -11.49 -4.40
C THR B 6 14.84 -10.87 -3.11
N ASN B 7 15.57 -11.67 -2.34
CA ASN B 7 16.10 -11.23 -1.06
C ASN B 7 17.42 -10.47 -1.19
N LEU B 8 17.86 -10.18 -2.41
CA LEU B 8 19.10 -9.41 -2.56
C LEU B 8 18.78 -7.92 -2.52
N PRO B 9 19.55 -7.13 -1.77
CA PRO B 9 19.27 -5.69 -1.67
C PRO B 9 19.55 -4.97 -2.98
N ARG B 10 18.76 -3.91 -3.22
CA ARG B 10 19.01 -3.07 -4.39
C ARG B 10 20.35 -2.35 -4.28
N ASN B 11 20.77 -2.00 -3.06
CA ASN B 11 22.01 -1.25 -2.83
C ASN B 11 22.81 -1.96 -1.73
N PRO B 12 23.59 -2.98 -2.09
CA PRO B 12 24.37 -3.70 -1.08
C PRO B 12 25.34 -2.82 -0.30
N SER B 13 25.85 -1.74 -0.90
CA SER B 13 26.79 -0.89 -0.20
CA SER B 13 26.78 -0.87 -0.21
C SER B 13 26.15 -0.20 1.01
N MET B 14 24.83 -0.17 1.08
CA MET B 14 24.16 0.46 2.21
C MET B 14 23.48 -0.57 3.12
N ALA B 15 23.88 -1.84 3.01
CA ALA B 15 23.26 -2.87 3.83
C ALA B 15 23.65 -2.78 5.29
N ASP B 16 24.80 -2.18 5.60
CA ASP B 16 25.26 -2.05 6.97
C ASP B 16 24.59 -0.84 7.62
N TYR B 17 24.05 -1.02 8.82
CA TYR B 17 23.44 0.08 9.55
C TYR B 17 24.41 1.24 9.72
N GLU B 18 25.68 0.94 10.01
CA GLU B 18 26.66 2.01 10.22
C GLU B 18 26.87 2.83 8.95
N ALA B 19 26.85 2.19 7.78
CA ALA B 19 26.97 2.93 6.54
C ALA B 19 25.79 3.87 6.35
N ARG B 20 24.58 3.42 6.70
CA ARG B 20 23.40 4.26 6.54
C ARG B 20 23.41 5.43 7.51
N ILE B 21 23.75 5.18 8.78
CA ILE B 21 23.77 6.27 9.74
C ILE B 21 24.82 7.31 9.38
N PHE B 22 25.90 6.90 8.72
CA PHE B 22 26.92 7.85 8.30
C PHE B 22 26.39 8.86 7.29
N THR B 23 25.42 8.45 6.46
CA THR B 23 24.84 9.38 5.50
C THR B 23 24.04 10.48 6.15
N PHE B 24 23.71 10.35 7.43
CA PHE B 24 22.84 11.30 8.13
C PHE B 24 23.62 12.24 9.04
N GLY B 25 24.92 12.41 8.80
CA GLY B 25 25.73 13.22 9.70
C GLY B 25 25.22 14.64 9.85
N THR B 26 24.76 15.24 8.75
CA THR B 26 24.29 16.62 8.74
C THR B 26 22.76 16.70 8.60
N TRP B 27 22.05 15.76 9.21
CA TRP B 27 20.61 15.64 9.02
C TRP B 27 19.89 16.66 9.89
N ILE B 28 19.19 17.61 9.26
CA ILE B 28 18.58 18.74 9.95
C ILE B 28 17.07 18.59 10.10
N TYR B 29 16.49 17.52 9.59
CA TYR B 29 15.04 17.43 9.52
C TYR B 29 14.46 16.80 10.78
N SER B 30 13.14 16.92 10.93
CA SER B 30 12.45 16.60 12.17
C SER B 30 12.04 15.14 12.26
N VAL B 31 12.81 14.26 11.62
CA VAL B 31 12.64 12.82 11.76
C VAL B 31 13.99 12.25 12.18
N ASN B 32 13.98 11.38 13.19
CA ASN B 32 15.21 10.96 13.84
C ASN B 32 16.06 10.10 12.91
N LYS B 33 17.35 10.41 12.81
CA LYS B 33 18.21 9.71 11.87
C LYS B 33 18.48 8.27 12.29
N GLU B 34 18.55 8.00 13.60
CA GLU B 34 18.74 6.63 14.05
C GLU B 34 17.57 5.74 13.63
N GLN B 35 16.34 6.24 13.80
CA GLN B 35 15.16 5.49 13.37
C GLN B 35 15.15 5.30 11.87
N LEU B 36 15.53 6.33 11.11
CA LEU B 36 15.58 6.20 9.66
C LEU B 36 16.54 5.11 9.24
N ALA B 37 17.76 5.13 9.80
CA ALA B 37 18.78 4.15 9.43
C ALA B 37 18.39 2.75 9.87
N ARG B 38 17.77 2.61 11.04
CA ARG B 38 17.34 1.29 11.49
C ARG B 38 16.25 0.74 10.57
N ALA B 39 15.38 1.60 10.06
CA ALA B 39 14.32 1.19 9.14
C ALA B 39 14.85 0.91 7.74
N GLY B 40 16.17 1.00 7.54
CA GLY B 40 16.78 0.67 6.27
C GLY B 40 17.07 1.84 5.36
N PHE B 41 16.80 3.07 5.80
CA PHE B 41 16.94 4.23 4.92
C PHE B 41 18.32 4.87 5.05
N TYR B 42 18.79 5.44 3.94
CA TYR B 42 19.97 6.28 3.93
C TYR B 42 19.65 7.56 3.17
N ALA B 43 20.37 8.62 3.52
CA ALA B 43 20.13 9.94 2.93
C ALA B 43 20.74 10.03 1.55
N LEU B 44 20.01 10.69 0.64
CA LEU B 44 20.46 10.86 -0.73
C LEU B 44 21.28 12.14 -0.93
N GLY B 45 21.31 13.03 0.05
CA GLY B 45 22.01 14.28 -0.12
C GLY B 45 21.23 15.35 -0.86
N GLU B 46 19.91 15.23 -0.91
CA GLU B 46 19.06 16.19 -1.60
C GLU B 46 17.81 16.38 -0.76
N GLY B 47 17.72 17.52 -0.07
CA GLY B 47 16.58 17.73 0.81
C GLY B 47 16.49 16.63 1.85
N ASP B 48 15.25 16.23 2.17
CA ASP B 48 15.02 15.16 3.14
C ASP B 48 14.74 13.82 2.47
N LYS B 49 15.22 13.63 1.24
CA LYS B 49 14.95 12.41 0.50
C LYS B 49 15.83 11.27 0.98
N VAL B 50 15.22 10.10 1.17
CA VAL B 50 15.92 8.91 1.62
C VAL B 50 15.47 7.74 0.75
N LYS B 51 16.26 6.67 0.78
CA LYS B 51 15.94 5.47 0.04
C LYS B 51 16.27 4.25 0.89
N CYS B 52 15.45 3.21 0.77
CA CYS B 52 15.72 1.94 1.45
C CYS B 52 16.82 1.19 0.70
N PHE B 53 17.80 0.68 1.45
CA PHE B 53 18.89 -0.05 0.80
C PHE B 53 18.41 -1.35 0.16
N HIS B 54 17.31 -1.92 0.67
CA HIS B 54 16.92 -3.24 0.20
C HIS B 54 15.89 -3.17 -0.93
N CYS B 55 14.75 -2.54 -0.70
CA CYS B 55 13.72 -2.49 -1.73
C CYS B 55 13.90 -1.33 -2.70
N GLY B 56 14.78 -0.39 -2.38
CA GLY B 56 15.00 0.78 -3.22
C GLY B 56 13.91 1.83 -3.13
N GLY B 57 12.94 1.67 -2.24
CA GLY B 57 11.86 2.63 -2.15
C GLY B 57 12.34 3.94 -1.58
N GLY B 58 12.03 5.04 -2.26
CA GLY B 58 12.38 6.37 -1.80
C GLY B 58 11.22 7.09 -1.14
N LEU B 59 11.55 7.92 -0.14
CA LEU B 59 10.55 8.72 0.55
C LEU B 59 11.05 10.15 0.70
N THR B 60 10.11 11.09 0.70
CA THR B 60 10.44 12.51 0.83
C THR B 60 9.32 13.21 1.59
N ASP B 61 9.57 14.46 1.98
CA ASP B 61 8.58 15.32 2.62
C ASP B 61 8.06 14.71 3.93
N TRP B 62 9.00 14.35 4.80
CA TRP B 62 8.67 13.80 6.10
C TRP B 62 7.98 14.83 7.01
N LYS B 63 6.95 14.38 7.75
CA LYS B 63 6.32 15.18 8.78
C LYS B 63 7.11 15.07 10.08
N PRO B 64 7.04 16.09 10.93
CA PRO B 64 7.71 16.00 12.24
C PRO B 64 7.25 14.79 13.04
N SER B 65 8.21 14.06 13.59
CA SER B 65 8.03 12.91 14.48
C SER B 65 7.44 11.69 13.77
N GLU B 66 7.46 11.65 12.44
CA GLU B 66 6.95 10.48 11.74
C GLU B 66 7.81 9.26 12.03
N ASP B 67 7.15 8.10 12.08
CA ASP B 67 7.82 6.83 12.37
C ASP B 67 8.34 6.25 11.06
N PRO B 68 9.66 6.13 10.87
CA PRO B 68 10.16 5.59 9.60
C PRO B 68 9.69 4.17 9.30
N TRP B 69 9.57 3.31 10.32
CA TRP B 69 9.07 1.96 10.06
C TRP B 69 7.64 1.99 9.55
N GLU B 70 6.79 2.82 10.15
CA GLU B 70 5.40 2.91 9.69
C GLU B 70 5.33 3.38 8.24
N GLN B 71 6.11 4.41 7.89
CA GLN B 71 6.12 4.91 6.52
C GLN B 71 6.65 3.85 5.56
N HIS B 72 7.68 3.10 5.99
CA HIS B 72 8.22 2.01 5.18
C HIS B 72 7.12 0.98 4.88
N ALA B 73 6.35 0.60 5.90
CA ALA B 73 5.27 -0.36 5.72
C ALA B 73 4.12 0.20 4.90
N LYS B 74 3.83 1.50 5.07
CA LYS B 74 2.68 2.09 4.39
C LYS B 74 2.89 2.18 2.88
N TRP B 75 4.10 2.51 2.46
CA TRP B 75 4.39 2.75 1.05
C TRP B 75 5.06 1.58 0.35
N TYR B 76 5.84 0.78 1.08
CA TYR B 76 6.61 -0.31 0.47
C TYR B 76 6.42 -1.60 1.28
N PRO B 77 5.18 -2.08 1.40
CA PRO B 77 4.94 -3.26 2.25
C PRO B 77 5.59 -4.53 1.75
N GLY B 78 5.98 -4.58 0.48
CA GLY B 78 6.62 -5.76 -0.07
C GLY B 78 8.11 -5.87 0.19
N CYS B 79 8.69 -4.89 0.88
CA CYS B 79 10.14 -4.90 1.13
C CYS B 79 10.53 -6.08 2.02
N LYS B 80 11.54 -6.84 1.60
CA LYS B 80 11.96 -7.99 2.36
C LYS B 80 12.76 -7.63 3.61
N TYR B 81 13.41 -6.46 3.64
CA TYR B 81 14.09 -6.04 4.87
C TYR B 81 13.08 -5.65 5.93
N LEU B 82 12.06 -4.88 5.54
CA LEU B 82 10.94 -4.60 6.43
C LEU B 82 10.34 -5.88 6.98
N LEU B 83 10.09 -6.84 6.10
CA LEU B 83 9.49 -8.11 6.53
C LEU B 83 10.39 -8.82 7.55
N GLU B 84 11.69 -8.92 7.26
CA GLU B 84 12.59 -9.64 8.14
C GLU B 84 12.68 -8.99 9.51
N GLN B 85 12.62 -7.66 9.57
CA GLN B 85 12.80 -6.98 10.85
C GLN B 85 11.51 -6.81 11.62
N LYS B 86 10.39 -6.57 10.93
CA LYS B 86 9.13 -6.23 11.59
C LYS B 86 8.07 -7.31 11.49
N GLY B 87 8.13 -8.19 10.50
CA GLY B 87 7.17 -9.27 10.38
C GLY B 87 5.91 -8.84 9.65
N GLN B 88 5.20 -9.84 9.12
CA GLN B 88 4.02 -9.57 8.32
C GLN B 88 2.87 -9.02 9.17
N GLU B 89 2.74 -9.46 10.42
CA GLU B 89 1.63 -8.99 11.24
C GLU B 89 1.73 -7.50 11.49
N TYR B 90 2.94 -6.99 11.71
CA TYR B 90 3.15 -5.55 11.82
C TYR B 90 2.70 -4.84 10.54
N ILE B 91 3.14 -5.33 9.39
CA ILE B 91 2.79 -4.68 8.13
C ILE B 91 1.28 -4.67 7.92
N ASN B 92 0.63 -5.82 8.18
CA ASN B 92 -0.83 -5.86 8.04
C ASN B 92 -1.51 -4.91 9.01
N ASN B 93 -1.02 -4.84 10.25
CA ASN B 93 -1.65 -3.99 11.26
C ASN B 93 -1.51 -2.51 10.92
N ILE B 94 -0.39 -2.13 10.30
CA ILE B 94 -0.21 -0.73 9.90
C ILE B 94 -1.29 -0.35 8.88
N HIS B 95 -1.58 -1.24 7.95
CA HIS B 95 -2.61 -0.96 6.95
C HIS B 95 -4.01 -1.07 7.52
N LEU B 96 -4.23 -1.98 8.47
CA LEU B 96 -5.56 -2.13 9.06
C LEU B 96 -5.91 -0.92 9.91
N THR B 97 -4.99 -0.49 10.77
CA THR B 97 -5.23 0.66 11.64
C THR B 97 -4.03 1.61 11.63
N PRO C 3 -7.50 -8.28 2.99
CA PRO C 3 -7.18 -9.21 1.65
C PRO C 3 -7.75 -10.57 1.86
N PRO D 3 6.11 8.87 -1.51
CA PRO D 3 7.21 8.13 -2.51
C PRO D 3 7.92 9.20 -3.28
#